data_3HWJ
#
_entry.id   3HWJ
#
_cell.length_a   93.877
_cell.length_b   99.922
_cell.length_c   83.054
_cell.angle_alpha   90.000
_cell.angle_beta   90.000
_cell.angle_gamma   90.000
#
_symmetry.space_group_name_H-M   'C 2 2 21'
#
loop_
_entity.id
_entity.type
_entity.pdbx_description
1 polymer 'E3 ubiquitin-protein ligase MYCBP2'
2 non-polymer 'DIMETHYL SULFOXIDE'
3 water water
#
_entity_poly.entity_id   1
_entity_poly.type   'polypeptide(L)'
_entity_poly.pdbx_seq_one_letter_code
;(MSE)SLNRFTKTSQGRSWNTGNGSPDAICFAVDKPGIVVVGFAVYGGGGIHEYELEVLVDDSEHAGDSTHSHRWTSLEL
VKGTYTTDDSPSDIAEIRLDKVVPLKENVKYAVRLRNYGSRTANGDGG(MSE)TTVQCPDGVTFTFSTCSLSSNGTNQTR
GQIPQILYYRSEEGHHHHHH
;
_entity_poly.pdbx_strand_id   A,B
#
# COMPACT_ATOMS: atom_id res chain seq x y z
N LEU A 3 8.02 -2.37 -3.35
CA LEU A 3 8.60 -2.81 -2.01
C LEU A 3 7.67 -3.78 -1.23
N ASN A 4 6.43 -3.36 -1.10
CA ASN A 4 5.35 -4.14 -0.59
C ASN A 4 4.80 -5.03 -1.75
N ARG A 5 4.44 -6.30 -1.46
CA ARG A 5 3.68 -7.21 -2.35
C ARG A 5 2.42 -6.54 -2.89
N PHE A 6 1.76 -5.71 -2.06
CA PHE A 6 0.39 -5.23 -2.35
C PHE A 6 0.35 -3.78 -2.82
N THR A 7 -0.52 -3.46 -3.77
CA THR A 7 -0.66 -2.09 -4.23
C THR A 7 -1.55 -1.31 -3.28
N LYS A 8 -2.33 -2.03 -2.47
CA LYS A 8 -3.29 -1.35 -1.62
C LYS A 8 -3.64 -2.12 -0.35
N THR A 9 -4.38 -1.44 0.55
CA THR A 9 -4.79 -2.00 1.83
C THR A 9 -6.31 -2.12 1.82
N SER A 10 -6.80 -3.09 2.57
CA SER A 10 -8.22 -3.29 2.74
C SER A 10 -8.74 -2.07 3.50
N GLN A 11 -10.03 -1.80 3.31
CA GLN A 11 -10.77 -0.90 4.20
C GLN A 11 -10.98 -1.66 5.53
N GLY A 12 -10.68 -0.99 6.64
CA GLY A 12 -10.90 -1.54 7.98
C GLY A 12 -10.17 -2.83 8.30
N ARG A 13 -10.46 -3.42 9.44
CA ARG A 13 -9.86 -4.65 9.90
C ARG A 13 -10.82 -5.80 9.74
N SER A 14 -10.87 -6.36 8.56
CA SER A 14 -11.78 -7.44 8.34
C SER A 14 -11.06 -8.81 8.26
N TRP A 15 -9.73 -8.84 8.42
CA TRP A 15 -9.00 -10.12 8.18
C TRP A 15 -8.97 -11.00 9.44
N ASN A 16 -9.62 -12.15 9.39
CA ASN A 16 -9.61 -13.14 10.50
C ASN A 16 -8.25 -13.82 10.67
N THR A 17 -7.82 -14.01 11.93
CA THR A 17 -6.62 -14.80 12.23
C THR A 17 -6.93 -16.34 12.21
N GLY A 18 -8.19 -16.73 12.28
CA GLY A 18 -8.52 -18.16 12.28
C GLY A 18 -7.78 -18.90 13.39
N ASN A 19 -7.47 -18.16 14.45
CA ASN A 19 -6.82 -18.64 15.65
C ASN A 19 -5.68 -19.57 15.32
N GLY A 20 -4.72 -19.09 14.54
CA GLY A 20 -3.55 -19.89 14.21
C GLY A 20 -3.61 -20.62 12.88
N SER A 21 -4.67 -20.43 12.13
CA SER A 21 -4.83 -21.08 10.83
C SER A 21 -3.82 -20.42 9.89
N PRO A 22 -3.08 -21.22 9.13
CA PRO A 22 -1.86 -20.67 8.55
C PRO A 22 -2.16 -19.79 7.34
N ASP A 23 -1.46 -18.67 7.25
CA ASP A 23 -1.44 -17.83 6.06
C ASP A 23 -0.03 -17.98 5.55
N ALA A 24 0.14 -18.22 4.26
CA ALA A 24 1.44 -18.41 3.67
C ALA A 24 1.52 -17.83 2.28
N ILE A 25 2.73 -17.46 1.90
CA ILE A 25 2.98 -17.02 0.54
C ILE A 25 4.30 -17.64 0.09
N CYS A 26 4.34 -18.00 -1.18
N CYS A 26 4.30 -18.11 -1.18
CA CYS A 26 5.51 -18.65 -1.74
CA CYS A 26 5.52 -18.60 -1.84
C CYS A 26 6.28 -17.63 -2.62
C CYS A 26 6.25 -17.45 -2.48
N PHE A 27 7.56 -17.44 -2.36
CA PHE A 27 8.34 -16.44 -3.06
C PHE A 27 9.61 -17.02 -3.66
N ALA A 28 10.12 -16.36 -4.66
CA ALA A 28 11.39 -16.77 -5.29
C ALA A 28 12.10 -15.56 -5.85
N VAL A 29 13.42 -15.62 -5.93
CA VAL A 29 14.18 -14.53 -6.52
C VAL A 29 15.00 -14.90 -7.78
N ASP A 30 15.13 -13.85 -8.56
CA ASP A 30 15.83 -13.71 -9.82
C ASP A 30 17.36 -13.81 -9.73
N LYS A 31 17.93 -13.49 -8.58
CA LYS A 31 19.36 -13.21 -8.47
C LYS A 31 20.00 -13.92 -7.27
N PRO A 32 21.32 -14.05 -7.29
CA PRO A 32 21.94 -14.58 -6.09
C PRO A 32 22.23 -13.50 -5.07
N GLY A 33 22.55 -13.92 -3.85
CA GLY A 33 23.02 -13.00 -2.82
C GLY A 33 22.00 -12.35 -1.93
N ILE A 34 20.70 -12.64 -2.15
CA ILE A 34 19.62 -12.05 -1.38
C ILE A 34 19.59 -12.76 -0.05
N VAL A 35 19.49 -11.97 1.04
CA VAL A 35 19.46 -12.51 2.40
C VAL A 35 18.22 -11.97 3.08
N VAL A 36 17.35 -12.86 3.55
CA VAL A 36 16.10 -12.42 4.21
C VAL A 36 16.38 -12.26 5.69
N VAL A 37 16.04 -11.07 6.20
CA VAL A 37 16.18 -10.76 7.61
C VAL A 37 14.88 -10.66 8.37
N GLY A 38 13.75 -10.72 7.69
CA GLY A 38 12.47 -10.45 8.33
C GLY A 38 11.33 -10.30 7.34
N PHE A 39 10.15 -10.03 7.90
CA PHE A 39 8.90 -9.87 7.18
C PHE A 39 8.11 -8.80 7.85
N ALA A 40 7.24 -8.15 7.08
CA ALA A 40 6.21 -7.30 7.60
C ALA A 40 4.92 -8.06 7.63
N VAL A 41 4.10 -7.75 8.66
CA VAL A 41 2.78 -8.33 8.83
C VAL A 41 1.79 -7.20 9.24
N TYR A 42 0.54 -7.37 8.80
CA TYR A 42 -0.52 -6.47 9.16
C TYR A 42 -0.97 -6.66 10.59
N GLY A 43 -1.41 -5.55 11.16
CA GLY A 43 -1.91 -5.51 12.51
C GLY A 43 -3.25 -4.79 12.53
N GLY A 44 -3.59 -4.33 13.73
CA GLY A 44 -4.91 -3.77 14.04
C GLY A 44 -5.52 -4.65 15.11
N GLY A 45 -6.39 -4.10 15.94
CA GLY A 45 -6.95 -4.86 17.07
C GLY A 45 -5.96 -5.33 18.14
N GLY A 46 -4.88 -4.59 18.33
CA GLY A 46 -4.05 -4.79 19.50
C GLY A 46 -3.01 -5.85 19.35
N ILE A 47 -2.63 -6.43 20.48
CA ILE A 47 -1.49 -7.30 20.59
C ILE A 47 -1.79 -8.63 19.92
N HIS A 48 -0.87 -9.09 19.07
CA HIS A 48 -0.99 -10.43 18.49
C HIS A 48 0.16 -11.33 18.88
N GLU A 49 -0.15 -12.61 19.04
CA GLU A 49 0.87 -13.62 19.21
C GLU A 49 1.12 -14.30 17.87
N TYR A 50 2.36 -14.50 17.50
CA TYR A 50 2.57 -15.10 16.19
C TYR A 50 3.58 -16.20 16.20
N GLU A 51 3.42 -17.13 15.27
CA GLU A 51 4.46 -18.07 14.85
CA GLU A 51 4.47 -18.07 14.84
C GLU A 51 4.71 -17.83 13.35
N LEU A 52 5.96 -17.58 12.98
CA LEU A 52 6.37 -17.26 11.60
C LEU A 52 7.54 -18.19 11.18
N GLU A 53 7.36 -18.92 10.07
CA GLU A 53 8.30 -19.95 9.68
C GLU A 53 8.74 -19.74 8.24
N VAL A 54 10.02 -19.92 7.94
CA VAL A 54 10.48 -19.88 6.55
C VAL A 54 10.79 -21.31 6.13
N LEU A 55 10.33 -21.68 4.94
CA LEU A 55 10.51 -23.01 4.42
C LEU A 55 11.03 -22.98 3.00
N VAL A 56 11.60 -24.11 2.57
CA VAL A 56 12.17 -24.22 1.23
C VAL A 56 11.64 -25.50 0.55
N ASP A 57 11.33 -25.38 -0.75
CA ASP A 57 10.93 -26.53 -1.54
C ASP A 57 12.19 -27.35 -1.89
N ARG A 70 7.10 -31.30 -1.37
CA ARG A 70 7.31 -31.24 0.09
C ARG A 70 8.20 -30.04 0.53
N TRP A 71 7.97 -29.56 1.76
CA TRP A 71 8.55 -28.34 2.31
C TRP A 71 9.45 -28.58 3.52
N THR A 72 10.67 -28.05 3.49
CA THR A 72 11.59 -28.16 4.61
C THR A 72 11.72 -26.82 5.37
N SER A 73 11.59 -26.88 6.68
CA SER A 73 11.64 -25.74 7.57
C SER A 73 13.06 -25.22 7.80
N LEU A 74 13.26 -23.91 7.65
CA LEU A 74 14.58 -23.33 7.82
C LEU A 74 14.78 -22.50 9.07
N GLU A 75 13.70 -21.89 9.56
CA GLU A 75 13.76 -20.85 10.59
C GLU A 75 12.35 -20.58 11.07
N LEU A 76 12.21 -20.49 12.38
CA LEU A 76 10.94 -20.33 13.04
C LEU A 76 11.19 -19.31 14.14
N VAL A 77 10.39 -18.25 14.15
CA VAL A 77 10.35 -17.30 15.22
C VAL A 77 8.95 -17.25 15.77
N LYS A 78 8.85 -16.98 17.07
CA LYS A 78 7.58 -16.84 17.80
C LYS A 78 7.66 -15.54 18.53
N GLY A 79 6.57 -14.81 18.71
CA GLY A 79 6.74 -13.49 19.36
C GLY A 79 5.42 -12.82 19.56
N THR A 80 5.45 -11.53 19.83
CA THR A 80 4.20 -10.74 19.86
C THR A 80 4.48 -9.43 19.19
N TYR A 81 3.42 -8.79 18.69
CA TYR A 81 3.50 -7.48 18.05
C TYR A 81 2.17 -6.74 18.21
N THR A 82 2.27 -5.45 18.05
CA THR A 82 1.13 -4.55 17.97
C THR A 82 1.45 -3.48 16.96
N THR A 83 0.43 -3.00 16.25
CA THR A 83 0.55 -1.82 15.39
C THR A 83 -0.37 -0.68 15.93
N ASP A 84 -0.90 -0.86 17.14
CA ASP A 84 -1.83 0.05 17.73
C ASP A 84 -1.20 1.40 18.08
N ASP A 85 0.08 1.39 18.39
CA ASP A 85 0.78 2.61 18.70
C ASP A 85 1.34 3.36 17.46
N SER A 86 0.71 3.22 16.30
CA SER A 86 1.30 3.80 15.08
C SER A 86 0.25 4.09 14.01
N PRO A 87 0.48 5.14 13.21
CA PRO A 87 -0.40 5.34 12.05
C PRO A 87 -0.23 4.29 10.95
N SER A 88 0.87 3.56 11.03
CA SER A 88 1.01 2.34 10.21
C SER A 88 0.17 1.17 10.72
N ASP A 89 -0.35 0.42 9.76
CA ASP A 89 -0.99 -0.88 10.00
C ASP A 89 0.00 -2.05 9.88
N ILE A 90 1.30 -1.76 9.88
CA ILE A 90 2.33 -2.78 9.60
C ILE A 90 3.41 -2.84 10.67
N ALA A 91 3.65 -4.04 11.18
CA ALA A 91 4.80 -4.35 12.05
C ALA A 91 5.80 -5.19 11.31
N GLU A 92 7.05 -5.11 11.72
CA GLU A 92 8.13 -5.84 11.12
C GLU A 92 8.68 -6.85 12.12
N ILE A 93 8.67 -8.13 11.74
CA ILE A 93 9.27 -9.21 12.54
C ILE A 93 10.66 -9.57 11.98
N ARG A 94 11.70 -9.52 12.80
CA ARG A 94 13.08 -9.89 12.44
CA ARG A 94 13.06 -9.91 12.38
C ARG A 94 13.30 -11.39 12.68
N LEU A 95 14.02 -12.08 11.79
CA LEU A 95 14.36 -13.49 12.02
C LEU A 95 15.49 -13.61 13.03
N ASP A 96 15.57 -14.71 13.77
CA ASP A 96 16.70 -14.94 14.68
C ASP A 96 17.98 -15.30 13.93
N LYS A 97 17.85 -16.04 12.83
CA LYS A 97 18.99 -16.24 11.89
C LYS A 97 18.48 -15.83 10.53
N VAL A 98 19.28 -15.05 9.80
CA VAL A 98 18.95 -14.61 8.45
C VAL A 98 18.90 -15.81 7.53
N VAL A 99 18.13 -15.73 6.45
CA VAL A 99 17.99 -16.85 5.53
C VAL A 99 18.48 -16.40 4.17
N PRO A 100 19.64 -16.90 3.76
CA PRO A 100 20.17 -16.69 2.41
C PRO A 100 19.41 -17.53 1.38
N LEU A 101 18.94 -16.91 0.31
CA LEU A 101 18.12 -17.63 -0.68
C LEU A 101 18.92 -18.14 -1.86
N LYS A 102 18.54 -19.32 -2.33
CA LYS A 102 18.96 -19.79 -3.64
C LYS A 102 18.12 -19.13 -4.73
N GLU A 103 18.83 -18.64 -5.73
CA GLU A 103 18.23 -18.10 -6.95
C GLU A 103 17.30 -19.13 -7.58
N ASN A 104 16.13 -18.66 -8.02
CA ASN A 104 15.14 -19.48 -8.76
C ASN A 104 14.67 -20.71 -8.02
N VAL A 105 14.64 -20.60 -6.69
CA VAL A 105 14.12 -21.66 -5.82
C VAL A 105 12.93 -21.11 -5.05
N LYS A 106 11.88 -21.93 -4.97
CA LYS A 106 10.68 -21.56 -4.25
C LYS A 106 10.85 -21.66 -2.73
N TYR A 107 10.67 -20.53 -2.06
CA TYR A 107 10.59 -20.48 -0.63
C TYR A 107 9.16 -20.23 -0.23
N ALA A 108 8.85 -20.50 1.02
CA ALA A 108 7.58 -20.17 1.59
C ALA A 108 7.83 -19.53 2.93
N VAL A 109 7.02 -18.51 3.21
CA VAL A 109 6.89 -17.99 4.55
C VAL A 109 5.44 -18.21 5.04
N ARG A 110 5.31 -18.67 6.27
CA ARG A 110 4.02 -19.07 6.80
C ARG A 110 3.85 -18.39 8.15
N LEU A 111 2.71 -17.74 8.31
CA LEU A 111 2.31 -17.05 9.54
C LEU A 111 1.15 -17.79 10.19
N ARG A 112 1.29 -18.07 11.48
CA ARG A 112 0.18 -18.44 12.33
C ARG A 112 0.04 -17.31 13.35
N ASN A 113 -1.13 -16.68 13.37
CA ASN A 113 -1.34 -15.44 14.12
C ASN A 113 -2.51 -15.63 15.09
N TYR A 114 -2.47 -14.98 16.26
CA TYR A 114 -3.52 -15.18 17.26
C TYR A 114 -3.93 -13.84 17.83
N GLY A 115 -5.24 -13.59 17.86
CA GLY A 115 -5.76 -12.28 18.28
C GLY A 115 -6.93 -11.86 17.42
N SER A 116 -7.23 -10.55 17.42
CA SER A 116 -8.40 -9.99 16.75
C SER A 116 -8.11 -9.76 15.31
N ARG A 117 -9.14 -9.38 14.57
CA ARG A 117 -9.06 -9.06 13.15
C ARG A 117 -8.02 -8.00 12.86
N THR A 118 -7.32 -8.20 11.78
CA THR A 118 -6.29 -7.29 11.35
C THR A 118 -6.70 -6.69 10.04
N ALA A 119 -6.00 -5.63 9.67
CA ALA A 119 -5.95 -5.24 8.28
C ALA A 119 -5.38 -6.39 7.40
N ASN A 120 -5.50 -6.24 6.08
CA ASN A 120 -4.86 -7.13 5.11
C ASN A 120 -4.53 -6.32 3.86
N GLY A 121 -3.74 -6.90 2.94
CA GLY A 121 -3.44 -6.21 1.68
C GLY A 121 -4.34 -6.69 0.53
N ASP A 122 -4.40 -5.91 -0.53
CA ASP A 122 -5.11 -6.32 -1.72
C ASP A 122 -4.34 -5.80 -2.94
N GLY A 123 -4.75 -6.24 -4.11
CA GLY A 123 -4.13 -5.75 -5.34
C GLY A 123 -2.70 -6.22 -5.40
N GLY A 124 -2.49 -7.45 -4.94
CA GLY A 124 -1.21 -8.09 -4.87
C GLY A 124 -0.58 -8.29 -6.25
N THR A 126 2.07 -10.32 -8.58
CA THR A 126 2.75 -11.58 -8.82
C THR A 126 4.26 -11.42 -9.07
N THR A 127 4.71 -10.34 -9.69
CA THR A 127 6.15 -10.04 -9.88
C THR A 127 6.41 -8.63 -9.34
N VAL A 128 7.41 -8.51 -8.48
CA VAL A 128 7.80 -7.20 -7.95
C VAL A 128 9.27 -6.97 -8.26
N GLN A 129 9.53 -5.99 -9.10
CA GLN A 129 10.87 -5.68 -9.51
C GLN A 129 11.40 -4.63 -8.54
N CYS A 130 12.44 -5.00 -7.82
CA CYS A 130 13.01 -4.10 -6.84
C CYS A 130 13.99 -3.12 -7.52
N PRO A 131 14.23 -1.97 -6.87
CA PRO A 131 15.03 -0.98 -7.61
C PRO A 131 16.47 -1.43 -7.73
N ASP A 132 16.88 -2.35 -6.86
CA ASP A 132 18.22 -2.90 -6.87
C ASP A 132 18.52 -3.90 -8.02
N GLY A 133 17.54 -4.17 -8.88
CA GLY A 133 17.69 -5.14 -9.94
C GLY A 133 16.95 -6.46 -9.69
N VAL A 134 16.78 -6.88 -8.43
CA VAL A 134 16.14 -8.17 -8.11
C VAL A 134 14.64 -8.18 -8.37
N THR A 135 14.21 -9.22 -9.08
CA THR A 135 12.79 -9.51 -9.22
C THR A 135 12.35 -10.60 -8.24
N PHE A 136 11.39 -10.25 -7.40
CA PHE A 136 10.70 -11.23 -6.57
C PHE A 136 9.44 -11.74 -7.27
N THR A 137 9.25 -13.06 -7.27
CA THR A 137 8.03 -13.67 -7.86
C THR A 137 7.25 -14.25 -6.70
N PHE A 138 6.00 -13.83 -6.56
CA PHE A 138 5.07 -14.30 -5.51
C PHE A 138 4.04 -15.24 -6.06
N SER A 139 3.80 -16.34 -5.36
CA SER A 139 2.79 -17.28 -5.74
C SER A 139 2.04 -17.94 -4.58
N THR A 140 0.86 -18.46 -4.92
CA THR A 140 -0.05 -19.02 -3.95
C THR A 140 0.59 -20.32 -3.50
N CYS A 141 0.36 -20.67 -2.25
N CYS A 141 0.48 -20.57 -2.19
CA CYS A 141 1.17 -21.67 -1.64
CA CYS A 141 1.17 -21.65 -1.49
C CYS A 141 0.25 -22.60 -0.85
C CYS A 141 0.11 -22.63 -0.99
N SER A 142 0.46 -23.91 -1.03
CA SER A 142 -0.47 -24.89 -0.49
CA SER A 142 -0.35 -25.01 -0.48
C SER A 142 -0.46 -24.96 1.03
N LEU A 143 0.56 -24.37 1.65
CA LEU A 143 0.63 -24.28 3.11
C LEU A 143 -0.33 -23.24 3.69
N SER A 144 -0.95 -22.42 2.84
CA SER A 144 -1.87 -21.35 3.28
C SER A 144 -3.30 -21.84 3.21
N SER A 145 -4.05 -21.78 4.31
CA SER A 145 -5.48 -22.07 4.19
C SER A 145 -6.40 -21.02 4.76
N ASN A 146 -5.82 -19.97 5.32
CA ASN A 146 -6.57 -18.91 5.94
C ASN A 146 -6.92 -17.77 4.97
N GLY A 147 -6.49 -17.93 3.71
CA GLY A 147 -6.89 -17.03 2.64
C GLY A 147 -5.83 -16.25 1.90
N THR A 148 -4.62 -16.12 2.45
CA THR A 148 -3.59 -15.35 1.81
C THR A 148 -3.25 -15.97 0.45
N ASN A 149 -3.13 -15.12 -0.57
CA ASN A 149 -2.67 -15.60 -1.88
C ASN A 149 -1.92 -14.51 -2.59
N GLN A 150 -1.64 -14.67 -3.89
CA GLN A 150 -0.89 -13.67 -4.62
C GLN A 150 -1.54 -12.26 -4.59
N THR A 151 -2.89 -12.21 -4.45
CA THR A 151 -3.67 -10.98 -4.53
C THR A 151 -3.96 -10.26 -3.20
N ARG A 152 -4.21 -11.03 -2.15
CA ARG A 152 -4.67 -10.43 -0.90
C ARG A 152 -4.19 -11.21 0.33
N GLY A 153 -4.27 -10.55 1.49
CA GLY A 153 -4.13 -11.17 2.79
C GLY A 153 -2.94 -10.66 3.58
N GLN A 154 -2.21 -11.60 4.18
CA GLN A 154 -1.09 -11.25 5.11
C GLN A 154 0.25 -11.24 4.40
N ILE A 155 1.24 -10.79 5.17
CA ILE A 155 2.63 -10.69 4.75
C ILE A 155 2.93 -9.75 3.59
N PRO A 156 2.79 -8.42 3.80
CA PRO A 156 2.97 -7.44 2.73
C PRO A 156 4.39 -7.29 2.21
N GLN A 157 5.37 -7.62 3.05
CA GLN A 157 6.78 -7.37 2.70
CA GLN A 157 6.77 -7.39 2.68
C GLN A 157 7.76 -8.38 3.27
N ILE A 158 8.84 -8.57 2.52
CA ILE A 158 9.98 -9.36 2.87
C ILE A 158 11.11 -8.33 3.02
N LEU A 159 11.83 -8.44 4.12
CA LEU A 159 12.85 -7.50 4.49
C LEU A 159 14.16 -8.21 4.15
N TYR A 160 14.96 -7.60 3.29
CA TYR A 160 16.14 -8.27 2.81
C TYR A 160 17.23 -7.22 2.53
N TYR A 161 18.46 -7.70 2.37
CA TYR A 161 19.56 -6.98 1.71
C TYR A 161 20.29 -7.92 0.78
N ARG A 162 21.04 -7.36 -0.18
CA ARG A 162 21.90 -8.15 -1.09
C ARG A 162 23.31 -8.24 -0.54
N SER A 163 23.85 -9.44 -0.59
CA SER A 163 25.27 -9.69 -0.31
C SER A 163 25.96 -10.32 -1.52
N ASN B 4 -13.16 5.89 -2.67
CA ASN B 4 -12.95 6.59 -3.98
C ASN B 4 -13.88 7.82 -4.19
N ARG B 5 -13.31 9.01 -4.39
CA ARG B 5 -14.12 10.17 -4.71
C ARG B 5 -14.86 10.04 -6.03
N PHE B 6 -14.44 9.13 -6.89
CA PHE B 6 -15.12 8.88 -8.17
C PHE B 6 -16.09 7.70 -8.08
N THR B 7 -17.06 7.70 -8.98
CA THR B 7 -18.02 6.61 -9.09
C THR B 7 -17.81 5.74 -10.35
N LYS B 8 -16.88 6.10 -11.21
CA LYS B 8 -16.52 5.24 -12.35
C LYS B 8 -15.04 5.34 -12.61
N THR B 9 -14.49 4.31 -13.21
CA THR B 9 -13.08 4.25 -13.60
C THR B 9 -13.07 3.89 -15.06
N SER B 10 -12.21 4.53 -15.84
CA SER B 10 -12.11 4.26 -17.27
C SER B 10 -11.89 2.77 -17.46
N GLN B 11 -12.43 2.21 -18.51
CA GLN B 11 -12.09 0.85 -18.86
C GLN B 11 -10.59 0.77 -19.22
N GLY B 12 -10.08 1.76 -19.96
CA GLY B 12 -8.69 1.75 -20.43
C GLY B 12 -7.77 2.84 -19.87
N ARG B 13 -6.68 3.12 -20.57
CA ARG B 13 -5.66 4.07 -20.14
C ARG B 13 -5.68 5.27 -21.08
N SER B 14 -6.42 6.32 -20.79
CA SER B 14 -6.37 7.47 -21.68
C SER B 14 -5.90 8.73 -20.98
N TRP B 15 -5.58 8.68 -19.69
CA TRP B 15 -5.22 9.90 -18.97
C TRP B 15 -3.71 10.18 -19.11
N ASN B 16 -3.31 11.26 -19.78
CA ASN B 16 -1.85 11.59 -19.95
C ASN B 16 -1.21 12.12 -18.65
N THR B 17 0.03 11.71 -18.38
CA THR B 17 0.81 12.23 -17.21
C THR B 17 1.27 13.68 -17.42
N GLY B 18 1.24 14.11 -18.68
CA GLY B 18 1.53 15.48 -19.05
C GLY B 18 2.95 15.76 -18.65
N ASN B 19 3.75 14.71 -18.67
CA ASN B 19 5.18 14.75 -18.38
C ASN B 19 5.58 15.53 -17.12
N GLY B 20 4.87 15.30 -16.03
CA GLY B 20 5.10 16.07 -14.82
C GLY B 20 4.13 17.22 -14.56
N SER B 21 3.24 17.54 -15.51
CA SER B 21 2.27 18.63 -15.34
C SER B 21 1.36 18.25 -14.18
N PRO B 22 1.25 19.12 -13.16
CA PRO B 22 0.51 18.73 -11.97
C PRO B 22 -0.98 18.47 -12.13
N ASP B 23 -1.37 17.27 -11.68
CA ASP B 23 -2.74 17.01 -11.31
C ASP B 23 -2.88 17.34 -9.86
N ALA B 24 -4.00 17.96 -9.50
CA ALA B 24 -4.24 18.41 -8.15
C ALA B 24 -5.73 18.32 -7.85
N ILE B 25 -6.04 18.13 -6.57
CA ILE B 25 -7.39 18.30 -6.04
C ILE B 25 -7.27 18.93 -4.67
N CYS B 26 -8.27 19.73 -4.35
N CYS B 26 -8.24 19.77 -4.35
CA CYS B 26 -8.34 20.48 -3.12
CA CYS B 26 -8.30 20.45 -3.08
C CYS B 26 -9.44 19.87 -2.24
C CYS B 26 -9.39 19.77 -2.26
N PHE B 27 -9.18 19.72 -0.94
CA PHE B 27 -10.10 19.01 -0.05
C PHE B 27 -10.11 19.63 1.33
N ALA B 28 -11.21 19.42 2.04
CA ALA B 28 -11.33 19.80 3.44
C ALA B 28 -12.30 18.86 4.18
N VAL B 29 -12.25 18.90 5.51
CA VAL B 29 -13.08 18.04 6.37
C VAL B 29 -13.80 18.83 7.45
N ASP B 30 -14.87 18.23 7.98
CA ASP B 30 -15.53 18.74 9.18
C ASP B 30 -14.88 18.18 10.48
N LYS B 31 -14.87 16.88 10.67
CA LYS B 31 -14.32 16.37 11.92
C LYS B 31 -12.94 16.97 12.18
N PRO B 32 -12.63 17.24 13.46
CA PRO B 32 -11.24 17.43 13.90
C PRO B 32 -10.55 16.10 14.18
N GLY B 33 -9.23 16.16 14.29
CA GLY B 33 -8.43 14.99 14.60
C GLY B 33 -8.32 14.03 13.45
N ILE B 34 -8.46 14.52 12.23
CA ILE B 34 -8.21 13.71 11.05
C ILE B 34 -6.74 13.90 10.70
N VAL B 35 -6.09 12.77 10.48
CA VAL B 35 -4.70 12.75 10.08
C VAL B 35 -4.65 11.99 8.77
N VAL B 36 -4.10 12.61 7.72
CA VAL B 36 -3.95 11.95 6.43
C VAL B 36 -2.59 11.32 6.42
N VAL B 37 -2.57 10.10 5.91
CA VAL B 37 -1.39 9.22 5.88
C VAL B 37 -0.88 8.96 4.46
N GLY B 38 -1.76 9.13 3.47
CA GLY B 38 -1.31 9.27 2.07
C GLY B 38 -2.47 9.26 1.11
N PHE B 39 -2.17 8.90 -0.14
CA PHE B 39 -3.14 8.96 -1.25
C PHE B 39 -3.12 7.72 -2.13
N ALA B 40 -4.25 7.43 -2.76
CA ALA B 40 -4.29 6.43 -3.82
C ALA B 40 -4.21 7.08 -5.21
N VAL B 41 -3.42 6.50 -6.09
CA VAL B 41 -3.30 7.00 -7.46
C VAL B 41 -3.54 5.91 -8.51
N TYR B 42 -3.93 6.35 -9.70
CA TYR B 42 -4.20 5.49 -10.81
C TYR B 42 -2.92 5.13 -11.51
N GLY B 43 -2.81 3.87 -11.92
CA GLY B 43 -1.68 3.38 -12.72
C GLY B 43 -2.12 2.90 -14.10
N GLY B 44 -1.36 1.98 -14.66
CA GLY B 44 -1.53 1.66 -16.07
C GLY B 44 -0.33 2.26 -16.76
N GLY B 45 0.09 1.65 -17.85
CA GLY B 45 1.19 2.18 -18.60
C GLY B 45 2.50 2.15 -17.88
N GLY B 46 2.77 1.06 -17.16
CA GLY B 46 4.10 0.80 -16.64
C GLY B 46 4.54 1.56 -15.40
N ILE B 47 5.86 1.79 -15.33
CA ILE B 47 6.51 2.46 -14.20
C ILE B 47 6.27 3.96 -14.29
N HIS B 48 5.86 4.55 -13.16
CA HIS B 48 5.71 6.00 -12.97
C HIS B 48 6.58 6.54 -11.85
N GLU B 49 7.46 7.48 -12.21
CA GLU B 49 8.17 8.32 -11.26
C GLU B 49 7.27 9.49 -10.89
N TYR B 50 7.24 9.80 -9.60
CA TYR B 50 6.32 10.78 -9.13
C TYR B 50 6.87 11.62 -8.00
N GLU B 51 6.28 12.80 -7.91
CA GLU B 51 6.41 13.64 -6.76
C GLU B 51 5.00 13.99 -6.32
N LEU B 52 4.70 13.76 -5.06
CA LEU B 52 3.39 14.01 -4.50
C LEU B 52 3.58 14.98 -3.33
N GLU B 53 2.68 15.93 -3.22
CA GLU B 53 2.91 17.09 -2.37
C GLU B 53 1.60 17.49 -1.76
N VAL B 54 1.61 17.78 -0.47
CA VAL B 54 0.43 18.27 0.21
C VAL B 54 0.63 19.74 0.61
N LEU B 55 -0.41 20.55 0.44
CA LEU B 55 -0.37 21.99 0.74
C LEU B 55 -1.59 22.38 1.57
N VAL B 56 -1.48 23.53 2.24
CA VAL B 56 -2.62 24.09 2.98
C VAL B 56 -2.82 25.56 2.62
N ASP B 57 -4.07 25.96 2.69
CA ASP B 57 -4.50 27.32 2.45
C ASP B 57 -3.86 28.27 3.46
N ASP B 58 -2.90 29.04 2.98
CA ASP B 58 -2.10 29.91 3.80
C ASP B 58 -2.43 31.38 3.53
N SER B 59 -3.69 31.65 3.19
CA SER B 59 -4.17 33.00 2.91
C SER B 59 -3.15 33.78 2.09
N ARG B 70 -0.02 32.11 -0.54
CA ARG B 70 -1.40 31.54 -0.62
C ARG B 70 -1.49 30.04 -0.29
N TRP B 71 -0.75 29.21 -1.02
CA TRP B 71 -0.61 27.79 -0.62
C TRP B 71 0.76 27.57 0.03
N THR B 72 0.83 26.79 1.11
CA THR B 72 2.16 26.50 1.66
C THR B 72 2.43 25.00 1.82
N SER B 73 3.58 24.56 1.30
CA SER B 73 3.90 23.12 1.24
C SER B 73 4.09 22.57 2.64
N LEU B 74 3.35 21.51 2.98
CA LEU B 74 3.46 20.85 4.27
C LEU B 74 4.32 19.58 4.22
N GLU B 75 4.30 18.90 3.08
CA GLU B 75 4.86 17.55 2.99
C GLU B 75 5.01 17.16 1.54
N LEU B 76 6.13 16.54 1.23
CA LEU B 76 6.51 16.20 -0.10
C LEU B 76 7.17 14.82 -0.09
N VAL B 77 6.70 13.91 -0.97
CA VAL B 77 7.33 12.60 -1.18
C VAL B 77 7.66 12.39 -2.66
N LYS B 78 8.62 11.52 -2.93
CA LYS B 78 8.96 11.14 -4.30
C LYS B 78 9.05 9.64 -4.32
N GLY B 79 8.99 9.01 -5.48
CA GLY B 79 9.19 7.55 -5.57
C GLY B 79 8.69 7.02 -6.89
N THR B 80 8.57 5.69 -6.98
CA THR B 80 7.99 5.06 -8.14
C THR B 80 6.89 4.08 -7.75
N TYR B 81 5.97 3.85 -8.69
CA TYR B 81 4.96 2.80 -8.56
C TYR B 81 4.63 2.21 -9.93
N THR B 82 4.02 1.02 -9.88
CA THR B 82 3.44 0.39 -11.06
C THR B 82 2.33 -0.53 -10.60
N THR B 83 1.21 -0.52 -11.33
CA THR B 83 0.04 -1.38 -11.08
C THR B 83 -0.18 -2.40 -12.19
N ASP B 84 0.84 -2.66 -13.00
CA ASP B 84 0.69 -3.38 -14.29
C ASP B 84 0.58 -4.86 -14.10
N ASP B 85 1.31 -5.36 -13.11
CA ASP B 85 1.26 -6.75 -12.67
C ASP B 85 0.32 -6.98 -11.48
N SER B 86 -0.63 -6.04 -11.30
CA SER B 86 -1.67 -6.13 -10.31
C SER B 86 -3.03 -6.11 -10.95
N PRO B 87 -4.03 -6.78 -10.36
CA PRO B 87 -5.43 -6.62 -10.83
C PRO B 87 -6.03 -5.25 -10.49
N SER B 88 -5.39 -4.53 -9.59
CA SER B 88 -5.84 -3.19 -9.23
C SER B 88 -5.37 -2.20 -10.27
N ASP B 89 -6.16 -1.16 -10.48
CA ASP B 89 -5.70 -0.03 -11.24
C ASP B 89 -5.17 1.10 -10.38
N ILE B 90 -5.15 0.94 -9.05
CA ILE B 90 -4.58 1.97 -8.14
C ILE B 90 -3.39 1.50 -7.27
N ALA B 91 -2.54 2.44 -6.90
CA ALA B 91 -1.47 2.23 -5.95
C ALA B 91 -1.62 3.24 -4.82
N GLU B 92 -1.52 2.75 -3.58
CA GLU B 92 -1.50 3.63 -2.43
C GLU B 92 -0.09 4.15 -2.27
N ILE B 93 0.06 5.45 -2.03
CA ILE B 93 1.34 6.08 -1.78
C ILE B 93 1.31 6.75 -0.41
N ARG B 94 2.27 6.43 0.45
CA ARG B 94 2.16 6.96 1.81
C ARG B 94 3.12 8.11 2.04
N LEU B 95 2.72 8.96 2.97
CA LEU B 95 3.53 10.12 3.38
C LEU B 95 4.61 9.72 4.40
N ASP B 96 5.81 10.33 4.33
CA ASP B 96 6.83 10.18 5.40
C ASP B 96 6.31 10.73 6.76
N LYS B 97 6.12 12.04 6.83
CA LYS B 97 5.40 12.61 7.97
C LYS B 97 3.90 12.50 7.70
N VAL B 98 3.11 12.14 8.69
CA VAL B 98 1.68 12.17 8.58
C VAL B 98 1.20 13.61 8.77
N VAL B 99 0.07 13.98 8.16
CA VAL B 99 -0.38 15.38 8.10
C VAL B 99 -1.70 15.53 8.80
N PRO B 100 -1.68 16.07 10.05
CA PRO B 100 -2.91 16.29 10.77
C PRO B 100 -3.68 17.46 10.13
N LEU B 101 -4.99 17.37 10.16
CA LEU B 101 -5.79 18.28 9.41
C LEU B 101 -6.60 19.19 10.34
N LYS B 102 -6.35 20.49 10.22
CA LYS B 102 -7.20 21.51 10.82
C LYS B 102 -8.55 21.40 10.11
N GLU B 103 -9.62 21.47 10.90
CA GLU B 103 -11.00 21.32 10.46
C GLU B 103 -11.51 22.49 9.64
N ASN B 104 -12.48 22.19 8.76
CA ASN B 104 -13.04 23.11 7.75
C ASN B 104 -12.03 24.16 7.18
N VAL B 105 -10.80 23.69 6.91
CA VAL B 105 -9.76 24.45 6.24
C VAL B 105 -9.36 23.72 4.93
N LYS B 106 -9.17 24.47 3.85
CA LYS B 106 -8.84 23.86 2.55
C LYS B 106 -7.40 23.40 2.50
N TYR B 107 -7.24 22.14 2.11
CA TYR B 107 -5.94 21.55 1.81
C TYR B 107 -5.88 21.23 0.33
N ALA B 108 -4.68 21.10 -0.20
CA ALA B 108 -4.48 20.63 -1.56
C ALA B 108 -3.48 19.46 -1.61
N VAL B 109 -3.72 18.56 -2.56
CA VAL B 109 -2.79 17.53 -2.96
C VAL B 109 -2.54 17.64 -4.48
N ARG B 110 -1.27 17.53 -4.82
CA ARG B 110 -0.76 17.82 -6.09
C ARG B 110 0.22 16.73 -6.47
N LEU B 111 0.06 16.20 -7.69
CA LEU B 111 0.73 15.00 -8.18
C LEU B 111 1.40 15.40 -9.47
N ARG B 112 2.72 15.28 -9.48
CA ARG B 112 3.54 15.38 -10.67
C ARG B 112 3.98 13.97 -11.03
N ASN B 113 3.55 13.48 -12.19
CA ASN B 113 3.67 12.06 -12.52
C ASN B 113 4.30 11.96 -13.87
N TYR B 114 5.17 10.97 -14.05
CA TYR B 114 5.93 10.80 -15.27
C TYR B 114 5.69 9.39 -15.83
N GLY B 115 5.59 9.27 -17.15
CA GLY B 115 5.37 7.98 -17.80
C GLY B 115 4.14 7.95 -18.70
N SER B 116 3.70 6.75 -19.00
CA SER B 116 2.62 6.54 -19.97
C SER B 116 1.24 6.75 -19.40
N ARG B 117 0.29 6.78 -20.31
CA ARG B 117 -1.09 7.07 -19.98
CA ARG B 117 -1.08 7.07 -19.96
C ARG B 117 -1.58 6.10 -18.91
N THR B 118 -2.27 6.62 -17.92
CA THR B 118 -2.89 5.79 -16.89
C THR B 118 -4.42 5.77 -17.02
N ALA B 119 -5.06 5.01 -16.15
CA ALA B 119 -6.49 5.10 -16.01
C ALA B 119 -6.83 6.41 -15.29
N ASN B 120 -8.10 6.76 -15.28
CA ASN B 120 -8.61 7.89 -14.53
C ASN B 120 -9.96 7.55 -13.96
N GLY B 121 -10.47 8.41 -13.06
CA GLY B 121 -11.87 8.30 -12.60
C GLY B 121 -12.77 9.35 -13.23
N ASP B 122 -14.07 9.13 -13.26
CA ASP B 122 -14.98 10.22 -13.14
C ASP B 122 -16.29 9.84 -12.52
N GLY B 123 -17.31 10.66 -12.74
CA GLY B 123 -18.50 10.59 -11.95
C GLY B 123 -18.17 11.09 -10.57
N GLY B 124 -17.38 12.16 -10.51
CA GLY B 124 -16.75 12.60 -9.30
C GLY B 124 -17.70 13.24 -8.36
N THR B 126 -18.45 15.69 -5.08
CA THR B 126 -18.03 16.87 -4.36
C THR B 126 -17.91 16.67 -2.84
N THR B 127 -18.89 16.01 -2.22
CA THR B 127 -18.76 15.64 -0.81
C THR B 127 -18.88 14.13 -0.70
N VAL B 128 -18.13 13.55 0.24
CA VAL B 128 -18.08 12.10 0.45
C VAL B 128 -18.13 11.81 1.96
N GLN B 129 -19.31 11.44 2.45
CA GLN B 129 -19.48 11.04 3.85
C GLN B 129 -18.96 9.63 3.99
N CYS B 130 -17.91 9.44 4.78
CA CYS B 130 -17.42 8.09 5.08
C CYS B 130 -18.34 7.37 6.06
N PRO B 131 -18.23 6.02 6.12
CA PRO B 131 -19.12 5.30 7.06
C PRO B 131 -18.70 5.67 8.47
N ASP B 132 -17.38 5.59 8.66
CA ASP B 132 -16.59 6.31 9.65
C ASP B 132 -17.15 7.65 10.22
N GLY B 133 -18.14 8.27 9.58
CA GLY B 133 -18.78 9.49 10.10
C GLY B 133 -18.22 10.79 9.49
N VAL B 134 -16.94 10.78 9.18
CA VAL B 134 -16.21 11.93 8.62
C VAL B 134 -16.59 12.21 7.17
N THR B 135 -16.92 13.48 6.83
CA THR B 135 -17.16 13.86 5.42
C THR B 135 -16.05 14.74 4.81
N PHE B 136 -15.64 14.37 3.60
CA PHE B 136 -14.66 15.09 2.84
C PHE B 136 -15.40 15.87 1.77
N THR B 137 -15.05 17.15 1.65
CA THR B 137 -15.44 18.00 0.52
C THR B 137 -14.29 18.15 -0.45
N PHE B 138 -14.56 17.94 -1.74
CA PHE B 138 -13.56 18.12 -2.80
C PHE B 138 -13.84 19.32 -3.70
N SER B 139 -12.80 20.02 -4.11
CA SER B 139 -12.97 21.17 -5.00
C SER B 139 -11.88 21.26 -6.04
N THR B 140 -12.30 21.66 -7.25
CA THR B 140 -11.39 21.93 -8.35
C THR B 140 -10.45 23.11 -7.96
N CYS B 141 -9.17 23.04 -8.33
N CYS B 141 -9.20 23.05 -8.43
CA CYS B 141 -8.28 24.16 -8.07
CA CYS B 141 -8.17 24.00 -8.02
C CYS B 141 -7.13 24.32 -9.05
C CYS B 141 -7.17 24.34 -9.13
N SER B 142 -6.61 25.56 -9.08
CA SER B 142 -5.70 26.05 -10.12
C SER B 142 -4.34 25.36 -10.10
N LEU B 143 -3.97 24.73 -8.98
CA LEU B 143 -2.81 23.85 -8.93
C LEU B 143 -2.90 22.73 -9.99
N SER B 144 -4.09 22.33 -10.40
CA SER B 144 -4.20 21.23 -11.30
C SER B 144 -3.91 21.64 -12.77
N SER B 145 -2.66 21.85 -13.14
CA SER B 145 -2.37 22.20 -14.55
C SER B 145 -2.77 21.10 -15.57
N ASN B 146 -2.80 19.85 -15.12
CA ASN B 146 -2.99 18.72 -16.02
C ASN B 146 -4.44 18.36 -16.23
N GLY B 147 -5.33 19.02 -15.51
CA GLY B 147 -6.76 18.95 -15.82
C GLY B 147 -7.62 18.18 -14.82
N THR B 148 -7.00 17.51 -13.86
CA THR B 148 -7.82 16.82 -12.89
C THR B 148 -8.73 17.84 -12.20
N ASN B 149 -9.99 17.45 -11.94
CA ASN B 149 -10.93 18.31 -11.25
C ASN B 149 -11.85 17.49 -10.33
N GLN B 150 -12.85 18.14 -9.73
CA GLN B 150 -13.91 17.46 -8.92
C GLN B 150 -14.53 16.29 -9.60
N THR B 151 -14.65 16.36 -10.92
CA THR B 151 -15.42 15.35 -11.67
C THR B 151 -14.64 14.14 -12.24
N ARG B 152 -13.42 14.40 -12.73
CA ARG B 152 -12.63 13.44 -13.47
C ARG B 152 -11.15 13.61 -13.26
N GLY B 153 -10.44 12.52 -13.44
CA GLY B 153 -8.99 12.58 -13.47
C GLY B 153 -8.38 11.61 -12.47
N GLN B 154 -7.41 12.11 -11.73
CA GLN B 154 -6.43 11.34 -11.00
C GLN B 154 -6.68 11.62 -9.49
N ILE B 155 -5.95 10.94 -8.60
CA ILE B 155 -6.14 11.00 -7.15
C ILE B 155 -7.51 10.55 -6.63
N PRO B 156 -7.86 9.25 -6.84
CA PRO B 156 -9.14 8.68 -6.37
C PRO B 156 -9.43 8.78 -4.87
N GLN B 157 -8.42 8.80 -4.02
CA GLN B 157 -8.65 8.55 -2.61
C GLN B 157 -7.57 9.16 -1.69
N ILE B 158 -8.03 9.64 -0.53
CA ILE B 158 -7.14 10.11 0.53
C ILE B 158 -7.10 9.03 1.56
N LEU B 159 -5.91 8.68 2.02
CA LEU B 159 -5.83 7.66 3.07
C LEU B 159 -5.67 8.40 4.39
N TYR B 160 -6.47 8.01 5.37
CA TYR B 160 -6.46 8.69 6.66
C TYR B 160 -6.88 7.76 7.81
N TYR B 161 -6.67 8.24 9.02
CA TYR B 161 -7.40 7.75 10.19
C TYR B 161 -7.91 8.94 11.02
N ARG B 162 -8.91 8.68 11.85
CA ARG B 162 -9.51 9.69 12.72
C ARG B 162 -8.91 9.67 14.14
N SER B 163 -9.00 10.82 14.80
CA SER B 163 -8.48 11.07 16.16
C SER B 163 -7.03 10.71 16.41
#